data_6YK6
#
_entry.id   6YK6
#
_cell.length_a   59.280
_cell.length_b   95.071
_cell.length_c   48.408
_cell.angle_alpha   90.000
_cell.angle_beta   90.000
_cell.angle_gamma   90.000
#
_symmetry.space_group_name_H-M   'P 21 21 2'
#
loop_
_entity.id
_entity.type
_entity.pdbx_description
1 polymer 'Glutamate receptor 2,Glutamate receptor 2'
2 non-polymer 'SULFATE ION'
3 non-polymer GLYCEROL
4 non-polymer 'LITHIUM ION'
5 non-polymer 'CHLORIDE ION'
6 non-polymer "(S)-1-(2'-Amino-2'-carboxyethyl)furo[3,4-d]pyrimidin-2,4-dione"
7 water water
#
_entity_poly.entity_id   1
_entity_poly.type   'polypeptide(L)'
_entity_poly.pdbx_seq_one_letter_code
;GANKTVVVTTILESPYVMMKKNHEMLEGNERYEGYCVDLAAEIAKHCGFKYKLTIVGDGKYGARDADTKIWNGMVGELVY
GKADIAIAPLTITLVREEVIDFSKPFMSLGISIMIKKGTPIESAEDLSKQTEIAYGTLDSGSTKEFFRRSKIAVFDKMWT
YMRSAEPSVFVRTTAEGVARVRKSKGKYAYLLESTMNEYIEQRKPCDTMKVGGNLDSKGYGIATPKGSSLGNAVNLAVLK
LNEQGLLDKLKNKWWYDKGECGSG
;
_entity_poly.pdbx_strand_id   A
#
loop_
_chem_comp.id
_chem_comp.type
_chem_comp.name
_chem_comp.formula
CL non-polymer 'CHLORIDE ION' 'Cl -1'
GOL non-polymer GLYCEROL 'C3 H8 O3'
LI non-polymer 'LITHIUM ION' 'Li 1'
OUB non-polymer (S)-1-(2'-Amino-2'-carboxyethyl)furo[3,4-d]pyrimidin-2,4-dione 'C9 H9 N3 O5'
SO4 non-polymer 'SULFATE ION' 'O4 S -2'
#
# COMPACT_ATOMS: atom_id res chain seq x y z
N GLY A 1 15.18 -4.00 -30.79
CA GLY A 1 15.35 -5.47 -30.97
C GLY A 1 14.08 -6.26 -30.70
N ALA A 2 14.24 -7.57 -30.52
CA ALA A 2 13.10 -8.44 -30.28
C ALA A 2 12.43 -8.10 -28.96
N ASN A 3 11.13 -8.41 -28.89
CA ASN A 3 10.41 -8.25 -27.63
C ASN A 3 11.06 -9.10 -26.55
N LYS A 4 11.05 -8.58 -25.33
CA LYS A 4 11.50 -9.34 -24.17
C LYS A 4 10.39 -9.40 -23.14
N THR A 5 10.43 -10.44 -22.31
CA THR A 5 9.48 -10.55 -21.21
C THR A 5 9.68 -9.40 -20.24
N VAL A 6 8.58 -8.77 -19.85
CA VAL A 6 8.58 -7.63 -18.95
C VAL A 6 8.72 -8.13 -17.52
N VAL A 7 9.69 -7.59 -16.80
CA VAL A 7 9.92 -7.95 -15.39
C VAL A 7 9.09 -7.03 -14.51
N VAL A 8 8.13 -7.63 -13.82
CA VAL A 8 7.25 -6.90 -12.90
C VAL A 8 7.79 -7.11 -11.50
N THR A 9 7.94 -6.03 -10.75
CA THR A 9 8.23 -6.12 -9.34
C THR A 9 6.96 -5.80 -8.56
N THR A 10 6.73 -6.59 -7.51
CA THR A 10 5.57 -6.42 -6.66
C THR A 10 5.97 -6.91 -5.28
N ILE A 11 5.01 -6.93 -4.36
CA ILE A 11 5.29 -7.23 -2.96
C ILE A 11 4.14 -8.05 -2.40
N LEU A 12 4.45 -8.97 -1.50
CA LEU A 12 3.43 -9.78 -0.86
C LEU A 12 2.73 -8.94 0.19
N GLU A 13 1.49 -8.57 -0.10
CA GLU A 13 0.68 -7.73 0.77
CA GLU A 13 0.68 -7.72 0.76
C GLU A 13 -0.75 -8.07 0.41
N SER A 14 -1.47 -8.71 1.33
CA SER A 14 -2.85 -9.09 1.07
CA SER A 14 -2.85 -9.09 1.05
C SER A 14 -3.73 -7.84 1.08
N PRO A 15 -4.74 -7.75 0.19
CA PRO A 15 -5.16 -8.73 -0.81
C PRO A 15 -4.60 -8.43 -2.19
N TYR A 16 -3.51 -7.67 -2.26
CA TYR A 16 -2.96 -7.27 -3.56
CA TYR A 16 -2.95 -7.26 -3.54
C TYR A 16 -2.18 -8.40 -4.20
N VAL A 17 -1.30 -9.05 -3.45
CA VAL A 17 -0.54 -10.19 -3.96
C VAL A 17 -0.34 -11.16 -2.81
N MET A 18 -0.75 -12.41 -3.04
CA MET A 18 -0.59 -13.48 -2.07
CA MET A 18 -0.60 -13.49 -2.07
C MET A 18 -0.16 -14.74 -2.82
N MET A 19 0.61 -15.59 -2.14
CA MET A 19 0.87 -16.91 -2.70
C MET A 19 -0.36 -17.77 -2.51
N LYS A 20 -0.82 -18.40 -3.59
CA LYS A 20 -1.97 -19.31 -3.49
C LYS A 20 -1.66 -20.45 -2.53
N LYS A 21 -2.71 -20.96 -1.88
CA LYS A 21 -2.52 -22.05 -0.93
C LYS A 21 -1.85 -23.25 -1.62
N ASN A 22 -2.21 -23.51 -2.87
CA ASN A 22 -1.65 -24.62 -3.62
C ASN A 22 -0.49 -24.21 -4.50
N HIS A 23 0.29 -23.19 -4.09
CA HIS A 23 1.30 -22.64 -4.98
C HIS A 23 2.37 -23.65 -5.36
N GLU A 24 2.61 -24.65 -4.51
CA GLU A 24 3.65 -25.62 -4.81
C GLU A 24 3.30 -26.49 -6.01
N MET A 25 2.03 -26.54 -6.40
CA MET A 25 1.60 -27.32 -7.55
C MET A 25 1.53 -26.48 -8.82
N LEU A 26 1.92 -25.22 -8.77
CA LEU A 26 1.78 -24.25 -9.83
C LEU A 26 3.15 -23.68 -10.16
N GLU A 27 3.22 -22.94 -11.26
CA GLU A 27 4.49 -22.37 -11.70
C GLU A 27 4.30 -20.94 -12.15
N GLY A 28 5.37 -20.17 -12.03
CA GLY A 28 5.39 -18.85 -12.63
C GLY A 28 4.32 -17.96 -12.03
N ASN A 29 3.70 -17.14 -12.89
CA ASN A 29 2.74 -16.16 -12.40
C ASN A 29 1.55 -16.83 -11.73
N GLU A 30 1.26 -18.08 -12.08
CA GLU A 30 0.10 -18.78 -11.52
C GLU A 30 0.24 -19.09 -10.04
N ARG A 31 1.43 -18.94 -9.46
CA ARG A 31 1.59 -19.16 -8.03
C ARG A 31 0.91 -18.08 -7.20
N TYR A 32 0.59 -16.93 -7.80
CA TYR A 32 0.13 -15.78 -7.06
C TYR A 32 -1.32 -15.43 -7.39
N GLU A 33 -1.97 -14.76 -6.45
CA GLU A 33 -3.33 -14.28 -6.66
C GLU A 33 -3.49 -12.96 -5.93
N GLY A 34 -4.51 -12.21 -6.34
CA GLY A 34 -4.87 -10.99 -5.66
C GLY A 34 -5.20 -9.85 -6.60
N TYR A 35 -5.55 -8.70 -6.04
CA TYR A 35 -5.95 -7.54 -6.83
C TYR A 35 -4.86 -7.15 -7.83
N CYS A 36 -3.61 -7.08 -7.38
CA CYS A 36 -2.55 -6.61 -8.27
C CYS A 36 -2.16 -7.68 -9.28
N VAL A 37 -2.35 -8.95 -8.94
CA VAL A 37 -2.15 -10.03 -9.91
C VAL A 37 -3.17 -9.92 -11.04
N ASP A 38 -4.44 -9.72 -10.68
CA ASP A 38 -5.48 -9.51 -11.68
C ASP A 38 -5.21 -8.24 -12.48
N LEU A 39 -4.79 -7.17 -11.81
CA LEU A 39 -4.52 -5.92 -12.50
C LEU A 39 -3.38 -6.09 -13.49
N ALA A 40 -2.31 -6.78 -13.08
CA ALA A 40 -1.19 -7.00 -13.99
C ALA A 40 -1.63 -7.74 -15.24
N ALA A 41 -2.49 -8.76 -15.08
CA ALA A 41 -2.98 -9.49 -16.24
C ALA A 41 -3.76 -8.58 -17.18
N GLU A 42 -4.58 -7.68 -16.62
CA GLU A 42 -5.36 -6.79 -17.48
C GLU A 42 -4.48 -5.78 -18.17
N ILE A 43 -3.49 -5.23 -17.47
CA ILE A 43 -2.57 -4.29 -18.09
CA ILE A 43 -2.55 -4.29 -18.09
C ILE A 43 -1.82 -4.98 -19.24
N ALA A 44 -1.29 -6.18 -18.98
CA ALA A 44 -0.54 -6.88 -20.01
C ALA A 44 -1.40 -7.22 -21.20
N LYS A 45 -2.67 -7.61 -20.97
CA LYS A 45 -3.58 -7.90 -22.06
C LYS A 45 -3.78 -6.68 -22.95
N HIS A 46 -3.98 -5.52 -22.34
CA HIS A 46 -4.26 -4.30 -23.09
C HIS A 46 -3.03 -3.76 -23.79
N CYS A 47 -1.84 -3.99 -23.22
CA CYS A 47 -0.61 -3.48 -23.80
C CYS A 47 0.10 -4.49 -24.70
N GLY A 48 -0.28 -5.75 -24.64
CA GLY A 48 0.29 -6.77 -25.49
C GLY A 48 1.72 -7.14 -25.15
N PHE A 49 1.99 -7.35 -23.86
CA PHE A 49 3.29 -7.85 -23.46
C PHE A 49 3.15 -9.10 -22.61
N LYS A 50 4.20 -9.91 -22.62
CA LYS A 50 4.35 -11.03 -21.71
C LYS A 50 5.18 -10.56 -20.52
N TYR A 51 4.93 -11.16 -19.35
CA TYR A 51 5.55 -10.62 -18.14
C TYR A 51 5.80 -11.72 -17.12
N LYS A 52 6.70 -11.42 -16.19
CA LYS A 52 7.04 -12.30 -15.09
C LYS A 52 6.88 -11.52 -13.79
N LEU A 53 6.05 -12.04 -12.88
CA LEU A 53 5.92 -11.44 -11.56
C LEU A 53 7.10 -11.86 -10.69
N THR A 54 7.79 -10.86 -10.13
CA THR A 54 8.87 -11.08 -9.19
C THR A 54 8.57 -10.29 -7.92
N ILE A 55 9.14 -10.73 -6.81
CA ILE A 55 8.88 -10.14 -5.49
C ILE A 55 10.09 -9.31 -5.10
N VAL A 56 9.84 -8.04 -4.73
CA VAL A 56 10.92 -7.11 -4.41
C VAL A 56 11.82 -7.68 -3.33
N GLY A 57 13.13 -7.67 -3.60
CA GLY A 57 14.07 -8.35 -2.73
C GLY A 57 14.06 -7.86 -1.30
N ASP A 58 14.01 -6.54 -1.11
CA ASP A 58 14.17 -5.98 0.23
C ASP A 58 12.85 -5.70 0.95
N GLY A 59 11.71 -6.05 0.36
CA GLY A 59 10.45 -5.93 1.04
C GLY A 59 9.98 -4.52 1.28
N LYS A 60 10.47 -3.55 0.51
CA LYS A 60 10.14 -2.16 0.73
C LYS A 60 9.47 -1.55 -0.49
N TYR A 61 8.77 -0.43 -0.23
CA TYR A 61 8.07 0.30 -1.28
C TYR A 61 9.01 1.23 -2.03
N GLY A 62 9.66 2.14 -1.33
CA GLY A 62 10.68 2.95 -1.99
C GLY A 62 10.98 4.26 -1.31
N ALA A 63 12.23 4.39 -0.85
CA ALA A 63 12.71 5.60 -0.21
C ALA A 63 14.20 5.72 -0.50
N ARG A 64 14.71 6.93 -0.34
CA ARG A 64 16.11 7.24 -0.60
C ARG A 64 16.84 7.45 0.71
N ASP A 65 17.92 6.71 0.91
CA ASP A 65 18.75 6.90 2.10
C ASP A 65 19.40 8.27 2.03
N ALA A 66 19.26 9.05 3.11
CA ALA A 66 19.72 10.44 3.08
C ALA A 66 21.23 10.52 2.94
N ASP A 67 21.95 9.52 3.44
CA ASP A 67 23.41 9.53 3.39
C ASP A 67 23.95 8.95 2.09
N THR A 68 23.52 7.75 1.72
CA THR A 68 24.08 7.10 0.54
C THR A 68 23.37 7.53 -0.73
N LYS A 69 22.20 8.14 -0.62
CA LYS A 69 21.38 8.55 -1.76
C LYS A 69 20.88 7.37 -2.58
N ILE A 70 20.93 6.16 -2.03
CA ILE A 70 20.47 4.96 -2.72
C ILE A 70 18.98 4.77 -2.48
N TRP A 71 18.25 4.48 -3.55
CA TRP A 71 16.84 4.15 -3.45
C TRP A 71 16.65 2.67 -3.15
N ASN A 72 15.76 2.38 -2.21
CA ASN A 72 15.44 1.00 -1.87
C ASN A 72 14.07 0.63 -2.43
N GLY A 73 13.64 -0.60 -2.15
CA GLY A 73 12.31 -1.04 -2.48
C GLY A 73 12.04 -1.17 -3.97
N MET A 74 10.75 -1.20 -4.30
CA MET A 74 10.33 -1.33 -5.69
C MET A 74 10.77 -0.13 -6.51
N VAL A 75 10.72 1.06 -5.90
CA VAL A 75 11.24 2.25 -6.59
C VAL A 75 12.70 2.03 -6.98
N GLY A 76 13.50 1.54 -6.04
CA GLY A 76 14.90 1.26 -6.35
C GLY A 76 15.08 0.24 -7.46
N GLU A 77 14.28 -0.82 -7.46
CA GLU A 77 14.39 -1.80 -8.53
C GLU A 77 14.15 -1.17 -9.88
N LEU A 78 13.25 -0.19 -9.96
CA LEU A 78 13.03 0.51 -11.22
C LEU A 78 14.20 1.45 -11.52
N VAL A 79 14.63 2.23 -10.52
CA VAL A 79 15.67 3.22 -10.72
C VAL A 79 16.96 2.58 -11.22
N TYR A 80 17.30 1.40 -10.69
CA TYR A 80 18.55 0.72 -11.01
C TYR A 80 18.39 -0.32 -12.11
N GLY A 81 17.21 -0.43 -12.71
CA GLY A 81 17.02 -1.28 -13.87
C GLY A 81 16.83 -2.75 -13.60
N LYS A 82 16.49 -3.11 -12.36
CA LYS A 82 16.29 -4.51 -11.99
C LYS A 82 14.88 -4.99 -12.32
N ALA A 83 13.95 -4.08 -12.53
CA ALA A 83 12.60 -4.42 -12.98
C ALA A 83 12.15 -3.38 -13.98
N ASP A 84 11.17 -3.74 -14.79
CA ASP A 84 10.64 -2.87 -15.84
C ASP A 84 9.37 -2.12 -15.42
N ILE A 85 8.63 -2.66 -14.47
CA ILE A 85 7.37 -2.08 -14.03
C ILE A 85 7.12 -2.58 -12.61
N ALA A 86 6.54 -1.71 -11.79
CA ALA A 86 6.08 -2.08 -10.46
C ALA A 86 4.56 -1.99 -10.43
N ILE A 87 3.91 -3.08 -10.02
CA ILE A 87 2.46 -3.16 -9.96
C ILE A 87 2.13 -3.60 -8.55
N ALA A 88 1.74 -2.65 -7.70
CA ALA A 88 1.68 -2.86 -6.28
C ALA A 88 0.92 -1.70 -5.64
N PRO A 89 0.56 -1.79 -4.36
CA PRO A 89 -0.06 -0.63 -3.67
C PRO A 89 0.99 0.42 -3.31
N LEU A 90 1.48 1.10 -4.36
CA LEU A 90 2.61 2.00 -4.30
C LEU A 90 2.08 3.42 -4.43
N THR A 91 2.25 4.22 -3.38
CA THR A 91 1.68 5.55 -3.35
C THR A 91 2.46 6.51 -4.22
N ILE A 92 1.73 7.31 -4.99
CA ILE A 92 2.33 8.38 -5.78
C ILE A 92 2.72 9.51 -4.82
N THR A 93 4.02 9.77 -4.71
CA THR A 93 4.52 10.84 -3.89
C THR A 93 5.50 11.70 -4.70
N LEU A 94 5.71 12.93 -4.22
CA LEU A 94 6.61 13.85 -4.92
C LEU A 94 8.02 13.28 -5.08
N VAL A 95 8.63 12.83 -3.98
CA VAL A 95 10.03 12.41 -4.09
C VAL A 95 10.18 11.20 -5.00
N ARG A 96 9.18 10.32 -5.04
CA ARG A 96 9.22 9.20 -5.96
C ARG A 96 8.99 9.65 -7.40
N GLU A 97 8.05 10.58 -7.59
CA GLU A 97 7.76 11.08 -8.94
C GLU A 97 8.99 11.72 -9.57
N GLU A 98 9.90 12.24 -8.76
CA GLU A 98 11.10 12.87 -9.31
CA GLU A 98 11.10 12.87 -9.31
C GLU A 98 12.05 11.86 -9.93
N VAL A 99 11.96 10.58 -9.57
CA VAL A 99 12.92 9.60 -10.02
C VAL A 99 12.34 8.48 -10.87
N ILE A 100 11.02 8.25 -10.85
CA ILE A 100 10.35 7.23 -11.67
CA ILE A 100 10.39 7.27 -11.74
C ILE A 100 9.11 7.88 -12.28
N ASP A 101 8.54 7.19 -13.27
CA ASP A 101 7.29 7.59 -13.89
C ASP A 101 6.15 6.83 -13.22
N PHE A 102 5.01 7.49 -13.09
CA PHE A 102 3.82 6.85 -12.52
C PHE A 102 2.65 7.02 -13.47
N SER A 103 1.84 5.97 -13.58
CA SER A 103 0.54 6.13 -14.22
C SER A 103 -0.35 7.03 -13.37
N LYS A 104 -1.44 7.50 -13.97
CA LYS A 104 -2.53 8.05 -13.18
C LYS A 104 -3.01 6.98 -12.19
N PRO A 105 -3.66 7.40 -11.11
CA PRO A 105 -3.97 6.43 -10.04
C PRO A 105 -4.92 5.33 -10.50
N PHE A 106 -4.64 4.10 -10.06
CA PHE A 106 -5.59 3.01 -10.22
C PHE A 106 -6.47 2.80 -8.99
N MET A 107 -6.13 3.42 -7.86
CA MET A 107 -6.91 3.33 -6.63
C MET A 107 -6.66 4.61 -5.85
N SER A 108 -7.73 5.14 -5.24
CA SER A 108 -7.64 6.31 -4.38
C SER A 108 -7.64 5.85 -2.93
N LEU A 109 -7.01 6.64 -2.07
CA LEU A 109 -6.88 6.24 -0.68
C LEU A 109 -6.43 7.44 0.12
N GLY A 110 -6.50 7.29 1.45
CA GLY A 110 -5.88 8.24 2.35
C GLY A 110 -5.50 7.54 3.64
N ILE A 111 -4.59 8.16 4.38
CA ILE A 111 -4.26 7.64 5.70
C ILE A 111 -5.51 7.68 6.57
N SER A 112 -5.65 6.65 7.41
CA SER A 112 -6.88 6.45 8.16
C SER A 112 -6.54 5.77 9.48
N ILE A 113 -7.53 5.72 10.38
CA ILE A 113 -7.36 5.17 11.71
C ILE A 113 -8.10 3.84 11.83
N MET A 114 -7.38 2.80 12.23
CA MET A 114 -7.97 1.52 12.58
C MET A 114 -8.00 1.39 14.10
N ILE A 115 -9.18 1.12 14.65
CA ILE A 115 -9.34 0.87 16.07
C ILE A 115 -9.93 -0.52 16.27
N LYS A 116 -9.65 -1.09 17.44
CA LYS A 116 -10.44 -2.20 17.95
CA LYS A 116 -10.45 -2.20 17.93
C LYS A 116 -11.83 -1.67 18.29
N LYS A 117 -12.86 -2.41 17.91
CA LYS A 117 -14.22 -1.94 18.16
C LYS A 117 -14.37 -1.52 19.62
N GLY A 118 -15.00 -0.35 19.82
CA GLY A 118 -15.25 0.17 21.15
C GLY A 118 -14.23 1.17 21.64
N THR A 119 -13.13 1.35 20.93
CA THR A 119 -12.13 2.31 21.35
C THR A 119 -12.72 3.72 21.23
N PRO A 120 -12.61 4.54 22.28
CA PRO A 120 -13.21 5.89 22.23
C PRO A 120 -12.35 6.90 21.49
N ILE A 121 -12.20 6.69 20.18
CA ILE A 121 -11.46 7.57 19.29
C ILE A 121 -12.28 7.75 18.03
N GLU A 122 -12.42 9.00 17.57
CA GLU A 122 -13.18 9.29 16.37
C GLU A 122 -12.41 10.04 15.29
N SER A 123 -11.19 10.50 15.60
CA SER A 123 -10.49 11.36 14.65
C SER A 123 -9.02 11.41 15.02
N ALA A 124 -8.21 11.90 14.08
CA ALA A 124 -6.80 12.11 14.36
C ALA A 124 -6.63 13.14 15.47
N GLU A 125 -7.46 14.17 15.50
CA GLU A 125 -7.34 15.16 16.57
C GLU A 125 -7.53 14.49 17.93
N ASP A 126 -8.51 13.57 18.01
CA ASP A 126 -8.73 12.83 19.25
C ASP A 126 -7.47 12.11 19.70
N LEU A 127 -6.83 11.37 18.79
CA LEU A 127 -5.61 10.66 19.14
C LEU A 127 -4.55 11.63 19.61
N SER A 128 -4.40 12.75 18.89
CA SER A 128 -3.28 13.65 19.14
C SER A 128 -3.33 14.27 20.53
N LYS A 129 -4.52 14.36 21.13
CA LYS A 129 -4.71 15.03 22.39
C LYS A 129 -4.54 14.12 23.60
N GLN A 130 -4.10 12.89 23.40
CA GLN A 130 -4.04 11.94 24.50
C GLN A 130 -2.90 10.95 24.28
N THR A 131 -2.64 10.14 25.31
CA THR A 131 -1.61 9.12 25.24
C THR A 131 -2.02 7.77 25.81
N GLU A 132 -3.18 7.66 26.46
CA GLU A 132 -3.62 6.38 27.02
C GLU A 132 -3.77 5.33 25.93
N ILE A 133 -4.34 5.73 24.79
CA ILE A 133 -4.45 4.87 23.62
C ILE A 133 -3.23 5.19 22.76
N ALA A 134 -2.27 4.26 22.72
CA ALA A 134 -1.09 4.45 21.90
C ALA A 134 -1.47 4.32 20.43
N TYR A 135 -0.66 4.92 19.56
CA TYR A 135 -0.94 4.87 18.13
C TYR A 135 0.35 4.99 17.33
N GLY A 136 0.39 4.33 16.18
CA GLY A 136 1.59 4.29 15.38
C GLY A 136 1.31 3.86 13.95
N THR A 137 2.41 3.67 13.21
CA THR A 137 2.36 3.37 11.80
C THR A 137 3.38 2.27 11.50
N LEU A 138 3.42 1.84 10.23
CA LEU A 138 4.53 1.06 9.74
C LEU A 138 5.85 1.82 9.94
N ASP A 139 6.94 1.07 10.06
CA ASP A 139 8.26 1.68 10.26
C ASP A 139 8.93 2.08 8.96
N SER A 140 8.26 1.91 7.83
CA SER A 140 8.76 2.30 6.51
CA SER A 140 8.75 2.38 6.54
C SER A 140 7.55 2.58 5.64
N GLY A 141 7.71 3.44 4.66
CA GLY A 141 6.66 3.68 3.68
C GLY A 141 6.03 5.05 3.77
N SER A 142 5.04 5.26 2.91
CA SER A 142 4.51 6.61 2.71
C SER A 142 3.67 7.09 3.88
N THR A 143 3.05 6.18 4.65
CA THR A 143 2.28 6.61 5.81
C THR A 143 3.21 7.18 6.88
N LYS A 144 4.30 6.46 7.19
CA LYS A 144 5.29 7.00 8.11
C LYS A 144 5.84 8.32 7.59
N GLU A 145 6.16 8.40 6.30
CA GLU A 145 6.76 9.61 5.76
C GLU A 145 5.79 10.79 5.83
N PHE A 146 4.50 10.54 5.68
CA PHE A 146 3.51 11.61 5.83
C PHE A 146 3.68 12.29 7.18
N PHE A 147 3.77 11.52 8.26
CA PHE A 147 3.89 12.12 9.57
C PHE A 147 5.26 12.78 9.77
N ARG A 148 6.32 12.09 9.37
CA ARG A 148 7.66 12.64 9.53
C ARG A 148 7.80 14.00 8.87
N ARG A 149 7.18 14.18 7.70
CA ARG A 149 7.38 15.39 6.92
C ARG A 149 6.34 16.47 7.15
N SER A 150 5.30 16.17 7.92
CA SER A 150 4.16 17.08 7.99
C SER A 150 4.52 18.33 8.78
N LYS A 151 4.06 19.47 8.27
CA LYS A 151 4.09 20.74 8.96
C LYS A 151 2.71 21.14 9.46
N ILE A 152 1.71 20.25 9.32
CA ILE A 152 0.39 20.49 9.85
CA ILE A 152 0.37 20.47 9.85
C ILE A 152 0.39 20.20 11.35
N ALA A 153 -0.14 21.13 12.13
CA ALA A 153 0.02 21.06 13.58
C ALA A 153 -0.39 19.71 14.18
N VAL A 154 -1.59 19.23 13.84
CA VAL A 154 -2.06 17.98 14.45
CA VAL A 154 -2.06 17.98 14.45
C VAL A 154 -1.14 16.83 14.09
N PHE A 155 -0.72 16.75 12.82
CA PHE A 155 0.10 15.62 12.39
C PHE A 155 1.54 15.72 12.87
N ASP A 156 2.07 16.94 12.96
CA ASP A 156 3.38 17.15 13.55
C ASP A 156 3.39 16.75 15.02
N LYS A 157 2.32 17.07 15.75
CA LYS A 157 2.19 16.64 17.14
C LYS A 157 2.14 15.13 17.23
N MET A 158 1.39 14.49 16.33
CA MET A 158 1.32 13.04 16.31
C MET A 158 2.69 12.41 16.03
N TRP A 159 3.45 13.01 15.12
CA TRP A 159 4.78 12.46 14.83
C TRP A 159 5.70 12.57 16.04
N THR A 160 5.68 13.74 16.71
CA THR A 160 6.49 13.92 17.91
C THR A 160 6.09 12.92 18.98
N TYR A 161 4.79 12.68 19.14
CA TYR A 161 4.33 11.64 20.05
C TYR A 161 4.87 10.27 19.63
N MET A 162 4.75 9.93 18.34
CA MET A 162 5.14 8.59 17.91
C MET A 162 6.63 8.36 18.14
N ARG A 163 7.47 9.35 17.83
CA ARG A 163 8.90 9.17 18.01
C ARG A 163 9.28 8.96 19.47
N SER A 164 8.54 9.57 20.39
CA SER A 164 8.91 9.58 21.81
C SER A 164 8.11 8.58 22.65
N ALA A 165 7.14 7.89 22.07
CA ALA A 165 6.32 6.96 22.83
C ALA A 165 7.07 5.68 23.15
N GLU A 166 6.77 5.12 24.33
CA GLU A 166 7.36 3.86 24.78
C GLU A 166 6.25 2.98 25.32
N PRO A 167 6.23 1.68 24.98
CA PRO A 167 7.14 1.02 24.04
C PRO A 167 6.91 1.48 22.60
N SER A 168 7.78 1.09 21.68
CA SER A 168 7.68 1.57 20.31
C SER A 168 6.27 1.37 19.76
N VAL A 169 5.73 2.41 19.13
CA VAL A 169 4.44 2.31 18.49
C VAL A 169 4.53 1.90 17.02
N PHE A 170 5.72 1.67 16.50
CA PHE A 170 5.88 1.27 15.12
C PHE A 170 5.78 -0.24 14.96
N VAL A 171 5.36 -0.67 13.77
CA VAL A 171 5.25 -2.07 13.39
C VAL A 171 5.96 -2.27 12.06
N ARG A 172 6.37 -3.52 11.80
CA ARG A 172 7.12 -3.85 10.60
CA ARG A 172 7.11 -3.83 10.59
C ARG A 172 6.23 -4.23 9.42
N THR A 173 5.04 -4.77 9.71
CA THR A 173 4.15 -5.21 8.65
C THR A 173 2.71 -4.86 8.99
N THR A 174 1.87 -4.85 7.95
CA THR A 174 0.43 -4.68 8.14
C THR A 174 -0.11 -5.71 9.13
N ALA A 175 0.27 -6.97 8.94
CA ALA A 175 -0.22 -8.02 9.83
C ALA A 175 0.13 -7.73 11.28
N GLU A 176 1.34 -7.21 11.54
CA GLU A 176 1.73 -6.87 12.90
C GLU A 176 0.88 -5.74 13.47
N GLY A 177 0.60 -4.73 12.65
CA GLY A 177 -0.24 -3.62 13.12
C GLY A 177 -1.64 -4.07 13.45
N VAL A 178 -2.22 -4.88 12.56
CA VAL A 178 -3.56 -5.42 12.78
C VAL A 178 -3.59 -6.30 14.04
N ALA A 179 -2.62 -7.21 14.15
CA ALA A 179 -2.58 -8.05 15.34
C ALA A 179 -2.45 -7.20 16.60
N ARG A 180 -1.67 -6.13 16.55
CA ARG A 180 -1.47 -5.31 17.73
C ARG A 180 -2.77 -4.62 18.12
N VAL A 181 -3.51 -4.10 17.14
CA VAL A 181 -4.83 -3.55 17.44
C VAL A 181 -5.69 -4.62 18.11
N ARG A 182 -5.70 -5.82 17.55
CA ARG A 182 -6.64 -6.85 18.02
C ARG A 182 -6.28 -7.33 19.42
N LYS A 183 -5.00 -7.30 19.79
CA LYS A 183 -4.57 -7.87 21.07
C LYS A 183 -4.38 -6.83 22.17
N SER A 184 -4.54 -5.54 21.88
CA SER A 184 -4.21 -4.51 22.86
C SER A 184 -5.40 -3.96 23.63
N LYS A 185 -6.57 -4.60 23.55
CA LYS A 185 -7.69 -4.28 24.44
C LYS A 185 -8.09 -2.81 24.34
N GLY A 186 -8.01 -2.26 23.13
CA GLY A 186 -8.38 -0.89 22.86
C GLY A 186 -7.31 0.13 23.11
N LYS A 187 -6.10 -0.29 23.47
CA LYS A 187 -5.05 0.63 23.85
C LYS A 187 -4.02 0.84 22.74
N TYR A 188 -4.31 0.38 21.53
CA TYR A 188 -3.47 0.68 20.37
C TYR A 188 -4.38 0.94 19.18
N ALA A 189 -4.13 2.05 18.49
CA ALA A 189 -4.79 2.39 17.24
C ALA A 189 -3.71 2.45 16.16
N TYR A 190 -4.04 1.95 14.97
CA TYR A 190 -3.07 1.78 13.90
C TYR A 190 -3.42 2.75 12.77
N LEU A 191 -2.43 3.56 12.37
CA LEU A 191 -2.60 4.49 11.26
CA LEU A 191 -2.60 4.48 11.27
C LEU A 191 -2.12 3.80 9.99
N LEU A 192 -3.03 3.69 9.01
CA LEU A 192 -2.72 2.91 7.81
C LEU A 192 -3.59 3.42 6.66
N GLU A 193 -3.25 2.98 5.45
CA GLU A 193 -3.98 3.41 4.28
C GLU A 193 -5.41 2.87 4.28
N SER A 194 -6.34 3.72 3.83
CA SER A 194 -7.76 3.47 4.02
C SER A 194 -8.18 2.18 3.33
N THR A 195 -7.63 1.92 2.15
CA THR A 195 -8.05 0.69 1.49
CA THR A 195 -7.85 0.68 1.41
C THR A 195 -7.63 -0.55 2.28
N MET A 196 -6.48 -0.55 2.95
CA MET A 196 -6.16 -1.69 3.78
C MET A 196 -7.08 -1.74 5.00
N ASN A 197 -7.38 -0.58 5.59
CA ASN A 197 -8.32 -0.51 6.69
C ASN A 197 -9.66 -1.12 6.30
N GLU A 198 -10.15 -0.76 5.11
CA GLU A 198 -11.43 -1.28 4.64
C GLU A 198 -11.37 -2.78 4.43
N TYR A 199 -10.26 -3.29 3.91
CA TYR A 199 -10.11 -4.73 3.70
C TYR A 199 -10.17 -5.49 5.02
N ILE A 200 -9.40 -5.04 6.01
CA ILE A 200 -9.32 -5.72 7.30
C ILE A 200 -10.66 -5.68 8.01
N GLU A 201 -11.41 -4.59 7.85
CA GLU A 201 -12.72 -4.49 8.48
CA GLU A 201 -12.74 -4.47 8.46
C GLU A 201 -13.67 -5.59 8.01
N GLN A 202 -13.40 -6.20 6.86
CA GLN A 202 -14.22 -7.31 6.36
C GLN A 202 -13.53 -8.66 6.55
N ARG A 203 -12.55 -8.76 7.44
CA ARG A 203 -11.91 -10.02 7.76
C ARG A 203 -12.24 -10.45 9.18
N LYS A 204 -12.47 -11.76 9.36
CA LYS A 204 -12.64 -12.29 10.70
C LYS A 204 -11.38 -12.03 11.52
N PRO A 205 -11.53 -11.79 12.83
CA PRO A 205 -12.77 -11.89 13.63
C PRO A 205 -13.66 -10.65 13.69
N CYS A 206 -13.58 -9.78 12.70
CA CYS A 206 -14.53 -8.68 12.56
C CYS A 206 -14.54 -7.79 13.80
N ASP A 207 -13.35 -7.52 14.33
CA ASP A 207 -13.21 -6.78 15.58
C ASP A 207 -12.54 -5.43 15.38
N THR A 208 -12.30 -5.01 14.15
CA THR A 208 -11.69 -3.71 13.88
C THR A 208 -12.67 -2.83 13.10
N MET A 209 -12.42 -1.53 13.14
CA MET A 209 -13.17 -0.65 12.25
C MET A 209 -12.34 0.58 11.92
N LYS A 210 -12.66 1.15 10.76
CA LYS A 210 -12.10 2.43 10.35
C LYS A 210 -12.94 3.54 10.95
N VAL A 211 -12.28 4.53 11.56
CA VAL A 211 -12.98 5.67 12.14
C VAL A 211 -12.39 6.96 11.62
N GLY A 212 -13.24 7.97 11.50
CA GLY A 212 -12.80 9.31 11.14
C GLY A 212 -12.65 9.47 9.65
N GLY A 213 -12.48 10.72 9.24
CA GLY A 213 -12.15 10.99 7.87
C GLY A 213 -10.72 10.61 7.57
N ASN A 214 -10.42 10.50 6.29
CA ASN A 214 -9.04 10.26 5.91
C ASN A 214 -8.23 11.51 6.19
N LEU A 215 -6.96 11.31 6.53
CA LEU A 215 -6.09 12.43 6.86
C LEU A 215 -5.54 13.13 5.62
N ASP A 216 -5.54 12.44 4.47
CA ASP A 216 -5.03 12.99 3.21
C ASP A 216 -5.75 12.27 2.07
N SER A 217 -5.41 12.66 0.84
CA SER A 217 -6.04 12.10 -0.35
CA SER A 217 -6.03 12.09 -0.35
C SER A 217 -4.94 11.85 -1.38
N LYS A 218 -4.65 10.58 -1.63
CA LYS A 218 -3.55 10.16 -2.48
C LYS A 218 -4.04 9.06 -3.41
N GLY A 219 -3.11 8.53 -4.21
CA GLY A 219 -3.44 7.44 -5.10
C GLY A 219 -2.27 6.50 -5.24
N TYR A 220 -2.59 5.26 -5.61
CA TYR A 220 -1.59 4.28 -6.02
C TYR A 220 -1.42 4.36 -7.53
N GLY A 221 -0.19 4.25 -7.99
CA GLY A 221 0.10 4.30 -9.41
C GLY A 221 1.00 3.17 -9.81
N ILE A 222 0.88 2.77 -11.08
CA ILE A 222 1.81 1.82 -11.68
C ILE A 222 3.07 2.59 -12.02
N ALA A 223 4.22 2.05 -11.67
CA ALA A 223 5.48 2.78 -11.82
C ALA A 223 6.39 2.11 -12.85
N THR A 224 7.09 2.93 -13.60
CA THR A 224 8.08 2.48 -14.57
C THR A 224 9.32 3.36 -14.43
N PRO A 225 10.46 2.92 -14.95
CA PRO A 225 11.65 3.78 -14.93
C PRO A 225 11.39 5.04 -15.71
N LYS A 226 12.03 6.12 -15.29
CA LYS A 226 11.81 7.42 -15.92
C LYS A 226 12.15 7.33 -17.40
N GLY A 227 11.20 7.75 -18.22
CA GLY A 227 11.39 7.75 -19.65
C GLY A 227 11.10 6.45 -20.35
N SER A 228 10.75 5.39 -19.62
CA SER A 228 10.47 4.11 -20.25
C SER A 228 9.33 4.24 -21.26
N SER A 229 9.52 3.62 -22.42
CA SER A 229 8.47 3.62 -23.44
C SER A 229 7.21 2.93 -22.94
N LEU A 230 7.36 1.96 -22.04
CA LEU A 230 6.20 1.22 -21.54
C LEU A 230 5.25 2.11 -20.77
N GLY A 231 5.73 3.25 -20.25
CA GLY A 231 4.91 4.07 -19.38
C GLY A 231 3.66 4.58 -20.04
N ASN A 232 3.76 5.05 -21.30
CA ASN A 232 2.59 5.62 -21.95
C ASN A 232 1.48 4.59 -22.08
N ALA A 233 1.80 3.40 -22.61
CA ALA A 233 0.79 2.40 -22.84
C ALA A 233 0.16 1.94 -21.53
N VAL A 234 0.99 1.76 -20.50
CA VAL A 234 0.48 1.31 -19.21
C VAL A 234 -0.49 2.33 -18.63
N ASN A 235 -0.15 3.61 -18.77
CA ASN A 235 -1.04 4.65 -18.25
C ASN A 235 -2.36 4.67 -19.00
N LEU A 236 -2.33 4.55 -20.33
CA LEU A 236 -3.57 4.49 -21.09
C LEU A 236 -4.38 3.26 -20.69
N ALA A 237 -3.70 2.14 -20.39
CA ALA A 237 -4.42 0.95 -19.94
C ALA A 237 -5.12 1.18 -18.61
N VAL A 238 -4.45 1.85 -17.65
CA VAL A 238 -5.10 2.13 -16.37
C VAL A 238 -6.35 2.97 -16.60
N LEU A 239 -6.24 4.01 -17.43
CA LEU A 239 -7.39 4.86 -17.68
C LEU A 239 -8.51 4.08 -18.35
N LYS A 240 -8.17 3.21 -19.30
CA LYS A 240 -9.20 2.40 -19.96
C LYS A 240 -9.89 1.49 -18.96
N LEU A 241 -9.10 0.79 -18.14
CA LEU A 241 -9.68 -0.11 -17.16
C LEU A 241 -10.57 0.64 -16.19
N ASN A 242 -10.14 1.83 -15.78
CA ASN A 242 -10.99 2.61 -14.89
C ASN A 242 -12.30 2.97 -15.60
N GLU A 243 -12.20 3.46 -16.84
CA GLU A 243 -13.38 3.89 -17.57
C GLU A 243 -14.34 2.74 -17.84
N GLN A 244 -13.84 1.52 -17.93
CA GLN A 244 -14.69 0.36 -18.17
C GLN A 244 -15.34 -0.17 -16.89
N GLY A 245 -14.99 0.38 -15.73
CA GLY A 245 -15.50 -0.10 -14.48
C GLY A 245 -14.75 -1.29 -13.91
N LEU A 246 -13.66 -1.70 -14.55
CA LEU A 246 -12.99 -2.94 -14.16
C LEU A 246 -12.16 -2.77 -12.89
N LEU A 247 -11.62 -1.59 -12.62
CA LEU A 247 -10.93 -1.39 -11.35
C LEU A 247 -11.91 -1.48 -10.18
N ASP A 248 -13.11 -0.91 -10.34
CA ASP A 248 -14.13 -1.05 -9.31
C ASP A 248 -14.51 -2.52 -9.11
N LYS A 249 -14.65 -3.26 -10.21
CA LYS A 249 -14.97 -4.68 -10.10
C LYS A 249 -13.89 -5.44 -9.34
N LEU A 250 -12.62 -5.13 -9.61
CA LEU A 250 -11.55 -5.82 -8.90
C LEU A 250 -11.51 -5.46 -7.42
N LYS A 251 -11.79 -4.21 -7.07
CA LYS A 251 -11.84 -3.87 -5.65
C LYS A 251 -12.98 -4.62 -4.97
N ASN A 252 -14.18 -4.63 -5.58
CA ASN A 252 -15.29 -5.35 -4.99
C ASN A 252 -14.94 -6.83 -4.82
N LYS A 253 -14.30 -7.42 -5.83
CA LYS A 253 -13.94 -8.83 -5.76
C LYS A 253 -13.09 -9.14 -4.55
N TRP A 254 -12.03 -8.35 -4.33
CA TRP A 254 -11.05 -8.68 -3.30
C TRP A 254 -11.37 -8.11 -1.94
N TRP A 255 -12.26 -7.12 -1.86
CA TRP A 255 -12.62 -6.50 -0.59
C TRP A 255 -13.94 -7.00 -0.03
N TYR A 256 -14.97 -7.09 -0.88
CA TYR A 256 -16.34 -7.19 -0.41
C TYR A 256 -17.06 -8.45 -0.85
N ASP A 257 -16.88 -8.91 -2.08
CA ASP A 257 -17.53 -10.15 -2.49
C ASP A 257 -17.10 -11.29 -1.56
N LYS A 258 -15.84 -11.27 -1.14
CA LYS A 258 -15.26 -12.28 -0.27
C LYS A 258 -15.30 -11.87 1.20
N GLY A 259 -16.05 -10.82 1.54
CA GLY A 259 -16.01 -10.31 2.91
C GLY A 259 -16.54 -11.34 3.90
N GLU A 260 -15.96 -11.33 5.09
CA GLU A 260 -16.24 -12.33 6.11
C GLU A 260 -17.05 -11.79 7.29
N CYS A 261 -17.53 -10.56 7.21
CA CYS A 261 -18.17 -9.90 8.34
C CYS A 261 -19.62 -9.53 8.04
N GLY A 262 -20.26 -10.28 7.17
CA GLY A 262 -21.66 -10.07 6.86
C GLY A 262 -21.89 -9.15 5.69
S SO4 B . 12.97 3.02 4.78
O1 SO4 B . 12.59 4.23 5.52
O2 SO4 B . 13.05 1.88 5.70
O3 SO4 B . 11.95 2.72 3.78
O4 SO4 B . 14.26 3.22 4.13
S SO4 C . -11.29 -4.11 -24.52
O1 SO4 C . -12.25 -3.91 -25.59
O2 SO4 C . -11.93 -4.84 -23.41
O3 SO4 C . -10.82 -2.81 -24.05
O4 SO4 C . -10.15 -4.89 -25.00
S SO4 D . 1.35 -15.35 1.58
O1 SO4 D . 0.13 -15.44 2.38
O2 SO4 D . 2.40 -14.70 2.35
O3 SO4 D . 1.07 -14.55 0.39
O4 SO4 D . 1.78 -16.69 1.20
S SO4 E . -10.66 -9.37 23.15
O1 SO4 E . -11.61 -8.45 22.52
O2 SO4 E . -11.39 -10.50 23.71
O3 SO4 E . -9.94 -8.67 24.21
O4 SO4 E . -9.71 -9.85 22.16
C1 GOL F . -11.66 -3.59 25.01
O1 GOL F . -11.14 -4.12 23.81
C2 GOL F . -11.98 -4.79 25.90
O2 GOL F . -12.62 -5.81 25.20
C3 GOL F . -12.89 -4.22 27.00
O3 GOL F . -13.49 -5.33 27.64
C1 GOL G . -19.17 -3.37 9.55
O1 GOL G . -18.24 -3.23 8.51
C2 GOL G . -18.40 -3.93 10.76
O2 GOL G . -19.22 -4.02 11.88
C3 GOL G . -17.90 -5.29 10.31
O3 GOL G . -17.44 -5.94 11.46
C1 GOL H . -8.31 14.70 3.20
O1 GOL H . -7.68 14.90 1.96
C2 GOL H . -9.74 15.22 3.07
O2 GOL H . -10.52 14.42 2.23
C3 GOL H . -10.30 15.25 4.48
O3 GOL H . -10.65 13.92 4.79
LI LI I . 7.97 10.72 -12.08
CL CL J . 12.86 -12.67 -22.54
CL CL K . -1.74 23.73 10.76
C2 OUB L . 1.79 2.13 3.68
C4 OUB L . 0.93 0.24 2.40
N1 OUB L . 0.76 1.97 4.55
C6 OUB L . -0.84 -0.95 2.89
C5 OUB L . -0.10 0.11 3.32
C1 OUB L . -0.20 1.02 4.47
C3 OUB L . 0.81 -0.71 1.43
C7 OUB L . 2.94 1.45 1.65
C8 OUB L . 2.62 2.72 0.78
C9 OUB L . 3.86 3.15 0.00
N2 OUB L . 1.87 1.26 2.62
N4 OUB L . 1.45 2.49 -0.13
O1 OUB L . -1.10 0.95 5.31
O2 OUB L . 2.63 3.03 3.83
O3 OUB L . 4.92 3.38 0.65
O4 OUB L . 3.78 3.21 -1.25
O5 OUB L . -0.30 -1.47 1.72
#